data_2NO9
#
_entry.id   2NO9
#
_cell.length_a   52.850
_cell.length_b   134.460
_cell.length_c   155.340
_cell.angle_alpha   90.00
_cell.angle_beta   90.00
_cell.angle_gamma   90.00
#
_symmetry.space_group_name_H-M   'C 2 2 21'
#
loop_
_entity.id
_entity.type
_entity.pdbx_description
1 polymer 'deoxycytidine kinase'
2 non-polymer "ADENOSINE-5'-DIPHOSPHATE"
3 non-polymer 4-AMINO-1-[(2S,4S)-2-(HYDROXYMETHYL)-1,3-DIOXOLAN-4-YL]PYRIMIDIN-2(1H)-ONE
4 water water
#
_entity_poly.entity_id   1
_entity_poly.type   'polypeptide(L)'
_entity_poly.pdbx_seq_one_letter_code
;MGSSHHHHHHSSGLVPRGSHMATPPKRSSPSFSASSEGTRIKKISIEGNIAAGKSTFVNILKQLSEDWEVVPEPVARWSN
VQSTQDEFEELTMSQKNGGNVLQMMYEKPERWSFTFQTYACLSRIRAQLASLNGKLKDAEKPVLFFERSVYSDRYIFASN
LYESESMNETEWTIYQDWHDWMNNQFGQSLELDGIIYLQATPETCLHRIYLRGRNEEQGIPLEYLEKLHYKHESWLLHRT
LKTNFDYLQEVPILTLDVNEDFKDKYESLVEKVKEFLSTL
;
_entity_poly.pdbx_strand_id   A,B
#
loop_
_chem_comp.id
_chem_comp.type
_chem_comp.name
_chem_comp.formula
ADP non-polymer ADENOSINE-5'-DIPHOSPHATE 'C10 H15 N5 O10 P2'
LTT non-polymer 4-AMINO-1-[(2S,4S)-2-(HYDROXYMETHYL)-1,3-DIOXOLAN-4-YL]PYRIMIDIN-2(1H)-ONE 'C8 H11 N3 O4'
#
# COMPACT_ATOMS: atom_id res chain seq x y z
N THR A 39 20.42 -7.11 11.71
CA THR A 39 19.75 -8.32 11.14
C THR A 39 20.56 -9.62 11.35
N ARG A 40 21.26 -9.68 12.48
CA ARG A 40 21.67 -10.95 13.13
C ARG A 40 20.48 -11.64 13.79
N ILE A 41 19.32 -10.97 13.78
CA ILE A 41 18.11 -11.53 14.35
C ILE A 41 17.60 -12.62 13.44
N LYS A 42 17.36 -13.80 14.00
CA LYS A 42 16.76 -14.91 13.24
C LYS A 42 15.25 -14.70 13.16
N LYS A 43 14.71 -14.86 11.97
CA LYS A 43 13.29 -14.69 11.72
C LYS A 43 12.60 -16.02 11.39
N ILE A 44 11.60 -16.36 12.19
CA ILE A 44 10.96 -17.63 12.12
C ILE A 44 9.49 -17.29 11.99
N SER A 45 8.84 -17.72 10.91
CA SER A 45 7.40 -17.49 10.92
C SER A 45 6.58 -18.70 11.36
N ILE A 46 5.49 -18.45 12.08
CA ILE A 46 4.53 -19.46 12.51
C ILE A 46 3.30 -19.38 11.62
N GLU A 47 3.04 -20.49 10.91
CA GLU A 47 2.01 -20.56 9.89
C GLU A 47 1.04 -21.64 10.27
N GLY A 48 -0.20 -21.50 9.81
CA GLY A 48 -1.22 -22.54 9.96
C GLY A 48 -2.58 -21.92 9.88
N ASN A 49 -3.62 -22.74 9.93
CA ASN A 49 -4.94 -22.29 9.61
C ASN A 49 -5.50 -21.41 10.74
N ILE A 50 -6.70 -20.87 10.52
CA ILE A 50 -7.35 -20.03 11.48
C ILE A 50 -7.67 -20.84 12.74
N ALA A 51 -7.32 -20.31 13.91
CA ALA A 51 -7.53 -20.99 15.17
C ALA A 51 -6.76 -22.32 15.33
N ALA A 52 -5.67 -22.53 14.58
CA ALA A 52 -4.86 -23.75 14.75
C ALA A 52 -4.24 -23.78 16.12
N GLY A 53 -3.95 -22.61 16.68
CA GLY A 53 -3.38 -22.51 18.03
C GLY A 53 -2.05 -21.79 17.94
N LYS A 54 -1.90 -20.89 16.96
CA LYS A 54 -0.58 -20.27 16.69
C LYS A 54 -0.21 -19.26 17.74
N SER A 55 -1.13 -18.38 18.09
CA SER A 55 -0.80 -17.43 19.12
C SER A 55 -0.68 -18.11 20.51
N THR A 56 -1.52 -19.09 20.81
CA THR A 56 -1.45 -19.84 22.09
C THR A 56 -0.05 -20.48 22.23
N PHE A 57 0.37 -21.24 21.22
CA PHE A 57 1.67 -21.89 21.23
C PHE A 57 2.85 -20.93 21.36
N VAL A 58 2.88 -19.90 20.54
CA VAL A 58 4.07 -19.05 20.49
C VAL A 58 4.19 -18.11 21.68
N ASN A 59 3.07 -17.71 22.27
CA ASN A 59 3.08 -16.86 23.43
C ASN A 59 3.52 -17.62 24.66
N ILE A 60 3.27 -18.92 24.66
CA ILE A 60 3.81 -19.76 25.71
C ILE A 60 5.30 -20.10 25.44
N LEU A 61 5.57 -20.58 24.24
CA LEU A 61 6.94 -20.83 23.80
C LEU A 61 8.01 -19.73 24.00
N LYS A 62 7.67 -18.47 23.74
CA LYS A 62 8.63 -17.38 23.84
C LYS A 62 9.10 -17.10 25.29
N GLN A 63 8.41 -17.69 26.27
CA GLN A 63 8.73 -17.51 27.67
C GLN A 63 9.99 -18.27 28.04
N LEU A 64 10.45 -19.19 27.21
CA LEU A 64 11.67 -19.98 27.47
C LEU A 64 12.99 -19.22 27.30
N SER A 65 12.95 -18.09 26.62
CA SER A 65 14.18 -17.31 26.50
C SER A 65 13.87 -15.84 26.43
N GLU A 66 14.79 -15.01 26.93
CA GLU A 66 14.67 -13.56 26.87
C GLU A 66 15.10 -13.05 25.49
N ASP A 67 15.71 -13.95 24.69
CA ASP A 67 16.16 -13.62 23.32
C ASP A 67 15.05 -13.96 22.30
N TRP A 68 13.95 -14.50 22.79
CA TRP A 68 12.82 -14.84 21.94
C TRP A 68 11.69 -13.81 22.13
N GLU A 69 11.26 -13.19 21.04
CA GLU A 69 10.07 -12.36 21.02
C GLU A 69 9.19 -12.70 19.82
N VAL A 70 7.97 -12.19 19.85
CA VAL A 70 6.86 -12.53 18.93
C VAL A 70 6.28 -11.26 18.37
N VAL A 71 5.97 -11.24 17.05
CA VAL A 71 5.17 -10.18 16.44
C VAL A 71 3.79 -10.74 16.10
N PRO A 72 2.73 -10.33 16.86
CA PRO A 72 1.42 -10.85 16.67
C PRO A 72 0.90 -10.41 15.33
N GLU A 73 -0.06 -11.18 14.80
CA GLU A 73 -0.83 -10.78 13.61
C GLU A 73 -1.78 -9.62 13.99
N PRO A 74 -1.80 -8.51 13.19
CA PRO A 74 -2.60 -7.35 13.63
C PRO A 74 -4.13 -7.50 13.47
N VAL A 75 -4.66 -8.66 13.86
CA VAL A 75 -6.11 -8.88 13.69
C VAL A 75 -6.98 -7.79 14.34
N ALA A 76 -6.56 -7.28 15.50
CA ALA A 76 -7.33 -6.26 16.19
C ALA A 76 -7.40 -4.98 15.36
N ARG A 77 -6.33 -4.68 14.62
CA ARG A 77 -6.29 -3.50 13.76
C ARG A 77 -7.26 -3.63 12.58
N TRP A 78 -7.68 -4.85 12.26
CA TRP A 78 -8.49 -5.10 11.05
C TRP A 78 -9.92 -5.05 11.38
N SER A 79 -10.23 -5.41 12.61
CA SER A 79 -11.58 -5.36 13.05
C SER A 79 -11.93 -4.01 13.64
N ASN A 80 -10.94 -3.15 13.85
CA ASN A 80 -11.22 -1.83 14.33
C ASN A 80 -10.29 -0.93 13.59
N VAL A 81 -10.75 -0.43 12.46
CA VAL A 81 -9.84 0.27 11.56
C VAL A 81 -9.60 1.75 12.00
N GLN A 82 -8.33 2.16 12.11
CA GLN A 82 -7.98 3.46 12.69
C GLN A 82 -6.74 3.91 11.96
N SER A 83 -6.65 5.21 11.70
CA SER A 83 -5.48 5.85 11.14
C SER A 83 -5.03 6.89 12.17
N THR A 84 -3.84 7.41 11.98
CA THR A 84 -3.19 8.12 13.04
C THR A 84 -3.85 9.50 13.18
N GLN A 85 -4.02 9.93 14.43
CA GLN A 85 -4.51 11.27 14.73
C GLN A 85 -3.45 12.37 14.56
N ASP A 86 -3.88 13.59 14.25
CA ASP A 86 -3.02 14.77 14.27
C ASP A 86 -2.60 15.05 15.73
N GLU A 87 -1.42 15.64 15.92
CA GLU A 87 -0.83 15.76 17.27
C GLU A 87 -1.63 16.67 18.21
N PHE A 88 -2.42 17.58 17.65
CA PHE A 88 -3.18 18.54 18.43
C PHE A 88 -4.57 18.01 18.63
N GLU A 89 -5.12 17.35 17.61
CA GLU A 89 -6.46 16.74 17.65
C GLU A 89 -6.60 15.60 18.65
N GLU A 90 -5.56 14.80 18.81
CA GLU A 90 -5.61 13.72 19.77
C GLU A 90 -5.66 14.20 21.23
N LEU A 91 -5.20 15.42 21.50
CA LEU A 91 -5.30 15.96 22.88
C LEU A 91 -6.72 16.23 23.31
N THR A 92 -7.64 16.39 22.35
CA THR A 92 -9.02 16.73 22.69
C THR A 92 -10.06 15.79 22.09
N MET A 93 -9.60 14.88 21.24
CA MET A 93 -10.50 14.00 20.54
C MET A 93 -10.04 12.58 20.78
N SER A 94 -10.97 11.70 21.08
CA SER A 94 -10.64 10.30 21.33
C SER A 94 -10.37 9.58 20.01
N GLN A 95 -9.58 8.51 20.09
CA GLN A 95 -9.35 7.62 18.94
C GLN A 95 -10.58 6.77 18.81
N LYS A 96 -11.45 7.12 17.86
CA LYS A 96 -12.77 6.48 17.75
C LYS A 96 -12.69 5.08 17.15
N ASN A 97 -13.71 4.27 17.44
CA ASN A 97 -13.77 2.97 16.80
C ASN A 97 -14.24 3.09 15.35
N GLY A 98 -13.34 2.69 14.45
CA GLY A 98 -13.59 2.73 13.00
C GLY A 98 -14.26 1.47 12.51
N GLY A 99 -14.25 1.29 11.20
CA GLY A 99 -14.95 0.18 10.59
C GLY A 99 -14.29 -1.14 10.92
N ASN A 100 -14.98 -2.20 10.51
CA ASN A 100 -14.54 -3.56 10.77
C ASN A 100 -14.40 -4.18 9.38
N VAL A 101 -13.23 -4.03 8.79
CA VAL A 101 -13.03 -4.51 7.42
C VAL A 101 -12.87 -6.03 7.43
N LEU A 102 -12.59 -6.60 8.61
CA LEU A 102 -12.58 -8.07 8.74
C LEU A 102 -13.99 -8.61 8.52
N GLN A 103 -14.96 -8.06 9.26
CA GLN A 103 -16.37 -8.40 9.12
C GLN A 103 -16.88 -8.14 7.69
N MET A 104 -16.53 -6.99 7.11
CA MET A 104 -16.95 -6.64 5.74
C MET A 104 -16.51 -7.70 4.71
N MET A 105 -15.25 -8.12 4.79
CA MET A 105 -14.71 -9.19 3.95
C MET A 105 -15.48 -10.54 4.12
N TYR A 106 -15.82 -10.88 5.36
CA TYR A 106 -16.52 -12.11 5.63
C TYR A 106 -17.94 -12.03 5.12
N GLU A 107 -18.58 -10.86 5.27
CA GLU A 107 -19.93 -10.60 4.82
C GLU A 107 -20.07 -10.47 3.28
N LYS A 108 -19.24 -9.66 2.64
CA LYS A 108 -19.21 -9.59 1.15
C LYS A 108 -17.81 -9.69 0.56
N PRO A 109 -17.26 -10.89 0.48
CA PRO A 109 -15.86 -11.09 0.03
C PRO A 109 -15.60 -10.53 -1.37
N GLU A 110 -16.59 -10.68 -2.23
CA GLU A 110 -16.51 -10.22 -3.63
C GLU A 110 -16.32 -8.70 -3.75
N ARG A 111 -16.84 -7.96 -2.78
CA ARG A 111 -16.70 -6.49 -2.69
C ARG A 111 -15.43 -6.07 -1.94
N TRP A 112 -15.15 -6.78 -0.82
CA TRP A 112 -14.14 -6.32 0.13
C TRP A 112 -12.80 -7.06 0.23
N SER A 113 -12.63 -8.16 -0.51
CA SER A 113 -11.43 -8.97 -0.43
C SER A 113 -10.17 -8.20 -0.75
N PHE A 114 -10.14 -7.52 -1.90
CA PHE A 114 -8.96 -6.79 -2.27
C PHE A 114 -8.60 -5.75 -1.21
N THR A 115 -9.60 -5.01 -0.74
CA THR A 115 -9.40 -4.00 0.27
C THR A 115 -8.87 -4.60 1.59
N PHE A 116 -9.51 -5.67 2.05
CA PHE A 116 -9.07 -6.35 3.24
C PHE A 116 -7.60 -6.84 3.06
N GLN A 117 -7.31 -7.53 1.96
CA GLN A 117 -5.97 -8.13 1.83
C GLN A 117 -4.83 -7.10 1.74
N THR A 118 -5.10 -6.00 1.04
CA THR A 118 -4.13 -4.91 0.96
C THR A 118 -3.78 -4.39 2.38
N TYR A 119 -4.79 -4.09 3.15
CA TYR A 119 -4.59 -3.60 4.52
C TYR A 119 -4.06 -4.66 5.45
N ALA A 120 -4.45 -5.91 5.21
CA ALA A 120 -3.93 -7.02 6.05
C ALA A 120 -2.41 -7.11 5.90
N CYS A 121 -1.92 -6.98 4.66
CA CYS A 121 -0.47 -7.08 4.39
C CYS A 121 0.33 -5.87 4.83
N LEU A 122 -0.17 -4.68 4.51
CA LEU A 122 0.39 -3.39 5.02
C LEU A 122 0.59 -3.37 6.53
N SER A 123 -0.47 -3.70 7.28
CA SER A 123 -0.39 -3.63 8.75
C SER A 123 0.60 -4.66 9.33
N ARG A 124 0.75 -5.78 8.64
CA ARG A 124 1.70 -6.83 9.03
C ARG A 124 3.11 -6.41 8.79
N ILE A 125 3.38 -5.95 7.56
CA ILE A 125 4.71 -5.42 7.25
C ILE A 125 5.09 -4.27 8.17
N ARG A 126 4.15 -3.35 8.43
CA ARG A 126 4.50 -2.26 9.35
C ARG A 126 4.92 -2.85 10.73
N ALA A 127 4.12 -3.78 11.26
CA ALA A 127 4.40 -4.36 12.57
C ALA A 127 5.71 -5.15 12.56
N GLN A 128 5.89 -6.02 11.55
CA GLN A 128 7.13 -6.83 11.47
C GLN A 128 8.42 -5.99 11.38
N LEU A 129 8.44 -4.99 10.51
CA LEU A 129 9.64 -4.13 10.39
C LEU A 129 9.97 -3.32 11.64
N ALA A 130 8.95 -2.84 12.35
CA ALA A 130 9.15 -2.06 13.58
C ALA A 130 9.83 -2.90 14.65
N SER A 131 9.36 -4.11 14.86
CA SER A 131 9.98 -4.98 15.84
C SER A 131 11.38 -5.41 15.43
N LEU A 132 11.61 -5.51 14.13
CA LEU A 132 12.95 -5.78 13.64
C LEU A 132 13.88 -4.65 14.01
N ASN A 133 13.43 -3.41 13.78
CA ASN A 133 14.20 -2.22 14.10
C ASN A 133 14.41 -1.94 15.59
N GLY A 134 13.62 -2.55 16.47
CA GLY A 134 13.62 -2.08 17.86
C GLY A 134 13.51 -3.06 19.00
N LYS A 135 13.46 -4.35 18.67
CA LYS A 135 13.43 -5.43 19.65
C LYS A 135 14.75 -6.17 19.67
N LEU A 136 15.09 -6.74 20.82
CA LEU A 136 16.18 -7.73 20.94
C LEU A 136 17.56 -7.16 20.60
N LYS A 137 17.78 -5.89 20.98
CA LYS A 137 19.07 -5.21 20.74
C LYS A 137 20.21 -5.76 21.63
N ASP A 138 19.83 -6.35 22.76
CA ASP A 138 20.81 -6.90 23.70
C ASP A 138 20.60 -8.39 23.90
N ALA A 139 20.38 -9.09 22.78
CA ALA A 139 20.18 -10.53 22.85
C ALA A 139 21.44 -11.25 22.39
N GLU A 140 21.65 -12.47 22.86
CA GLU A 140 22.82 -13.24 22.50
C GLU A 140 22.52 -14.10 21.28
N LYS A 141 21.35 -14.71 21.28
CA LYS A 141 20.85 -15.44 20.13
C LYS A 141 19.38 -15.04 19.92
N PRO A 142 19.16 -13.85 19.34
CA PRO A 142 17.80 -13.35 19.23
C PRO A 142 16.98 -14.07 18.16
N VAL A 143 15.71 -14.33 18.48
CA VAL A 143 14.79 -14.95 17.56
C VAL A 143 13.47 -14.23 17.61
N LEU A 144 13.02 -13.80 16.43
CA LEU A 144 11.72 -13.19 16.28
C LEU A 144 10.72 -14.11 15.56
N PHE A 145 9.67 -14.47 16.27
CA PHE A 145 8.61 -15.26 15.73
C PHE A 145 7.57 -14.32 15.19
N PHE A 146 7.17 -14.58 13.98
CA PHE A 146 6.15 -13.84 13.30
C PHE A 146 4.94 -14.76 13.26
N GLU A 147 3.79 -14.28 13.70
CA GLU A 147 2.52 -14.95 13.44
C GLU A 147 2.18 -14.69 11.97
N ARG A 148 2.38 -15.72 11.16
CA ARG A 148 2.18 -15.66 9.73
C ARG A 148 3.15 -14.69 9.11
N SER A 149 3.13 -14.63 7.79
CA SER A 149 4.08 -13.81 7.04
C SER A 149 3.39 -13.15 5.85
N VAL A 150 4.15 -12.32 5.14
CA VAL A 150 3.66 -11.73 3.89
C VAL A 150 3.47 -12.78 2.79
N TYR A 151 4.19 -13.89 2.88
CA TYR A 151 4.05 -14.97 1.90
C TYR A 151 2.72 -15.70 2.02
N SER A 152 2.26 -15.99 3.24
CA SER A 152 0.96 -16.57 3.36
C SER A 152 -0.19 -15.61 3.09
N ASP A 153 -0.04 -14.32 3.42
CA ASP A 153 -1.01 -13.31 3.01
C ASP A 153 -1.38 -13.52 1.52
N ARG A 154 -0.37 -13.65 0.68
CA ARG A 154 -0.53 -13.69 -0.78
C ARG A 154 -0.81 -15.09 -1.28
N TYR A 155 0.03 -16.03 -0.88
CA TYR A 155 -0.02 -17.37 -1.49
C TYR A 155 -1.05 -18.29 -0.87
N ILE A 156 -1.55 -17.95 0.32
CA ILE A 156 -2.64 -18.71 0.93
C ILE A 156 -3.93 -17.91 0.88
N PHE A 157 -3.99 -16.83 1.65
CA PHE A 157 -5.25 -16.12 1.78
C PHE A 157 -5.69 -15.40 0.50
N ALA A 158 -4.83 -14.55 -0.07
CA ALA A 158 -5.32 -13.74 -1.19
C ALA A 158 -5.50 -14.65 -2.38
N SER A 159 -4.59 -15.58 -2.54
CA SER A 159 -4.69 -16.47 -3.65
C SER A 159 -5.99 -17.26 -3.59
N ASN A 160 -6.38 -17.72 -2.39
CA ASN A 160 -7.65 -18.46 -2.24
C ASN A 160 -8.88 -17.59 -2.55
N LEU A 161 -8.82 -16.31 -2.23
CA LEU A 161 -9.87 -15.38 -2.59
C LEU A 161 -9.97 -15.19 -4.09
N TYR A 162 -8.84 -15.09 -4.76
CA TYR A 162 -8.83 -15.01 -6.22
C TYR A 162 -9.40 -16.28 -6.82
N GLU A 163 -8.89 -17.42 -6.33
CA GLU A 163 -9.36 -18.73 -6.81
C GLU A 163 -10.84 -18.95 -6.57
N SER A 164 -11.40 -18.34 -5.54
CA SER A 164 -12.85 -18.39 -5.27
C SER A 164 -13.63 -17.35 -6.04
N GLU A 165 -12.95 -16.58 -6.88
CA GLU A 165 -13.56 -15.43 -7.57
C GLU A 165 -14.16 -14.38 -6.60
N SER A 166 -13.59 -14.26 -5.41
CA SER A 166 -13.89 -13.11 -4.58
C SER A 166 -13.06 -11.86 -4.96
N MET A 167 -11.94 -12.08 -5.68
CA MET A 167 -11.12 -11.04 -6.28
C MET A 167 -11.14 -11.25 -7.79
N ASN A 168 -11.29 -10.20 -8.58
CA ASN A 168 -11.26 -10.40 -10.04
C ASN A 168 -9.85 -10.26 -10.56
N GLU A 169 -9.68 -10.41 -11.88
CA GLU A 169 -8.34 -10.40 -12.50
C GLU A 169 -7.58 -9.07 -12.34
N THR A 170 -8.29 -7.97 -12.49
CA THR A 170 -7.67 -6.67 -12.25
C THR A 170 -7.23 -6.52 -10.79
N GLU A 171 -8.10 -6.90 -9.85
CA GLU A 171 -7.76 -6.80 -8.42
C GLU A 171 -6.57 -7.69 -8.05
N TRP A 172 -6.52 -8.88 -8.64
CA TRP A 172 -5.45 -9.83 -8.36
C TRP A 172 -4.12 -9.34 -8.97
N THR A 173 -4.20 -8.76 -10.13
CA THR A 173 -3.02 -8.17 -10.77
C THR A 173 -2.46 -6.98 -9.96
N ILE A 174 -3.30 -6.04 -9.57
CA ILE A 174 -2.91 -4.91 -8.71
C ILE A 174 -2.28 -5.44 -7.39
N TYR A 175 -2.97 -6.36 -6.72
CA TYR A 175 -2.50 -6.88 -5.42
C TYR A 175 -1.10 -7.47 -5.59
N GLN A 176 -0.93 -8.32 -6.57
CA GLN A 176 0.34 -8.98 -6.77
C GLN A 176 1.46 -8.00 -7.12
N ASP A 177 1.14 -7.03 -7.98
CA ASP A 177 2.09 -5.98 -8.36
C ASP A 177 2.53 -5.20 -7.12
N TRP A 178 1.58 -4.77 -6.30
CA TRP A 178 1.91 -4.10 -5.04
C TRP A 178 2.83 -4.93 -4.14
N HIS A 179 2.38 -6.14 -3.82
CA HIS A 179 3.10 -7.10 -2.97
C HIS A 179 4.53 -7.35 -3.50
N ASP A 180 4.66 -7.53 -4.83
CA ASP A 180 5.97 -7.69 -5.46
C ASP A 180 6.86 -6.50 -5.20
N TRP A 181 6.35 -5.33 -5.53
CA TRP A 181 7.17 -4.11 -5.43
C TRP A 181 7.65 -3.91 -4.00
N MET A 182 6.78 -4.05 -3.03
CA MET A 182 7.16 -3.99 -1.61
C MET A 182 8.26 -4.93 -1.17
N ASN A 183 8.22 -6.19 -1.61
CA ASN A 183 9.30 -7.12 -1.31
C ASN A 183 10.65 -6.76 -1.87
N ASN A 184 10.68 -6.37 -3.14
CA ASN A 184 11.89 -5.82 -3.74
C ASN A 184 12.52 -4.76 -2.83
N GLN A 185 11.70 -3.87 -2.31
CA GLN A 185 12.16 -2.70 -1.56
C GLN A 185 12.97 -3.02 -0.29
N PHE A 186 12.62 -4.13 0.37
CA PHE A 186 13.28 -4.55 1.60
C PHE A 186 14.44 -5.43 1.27
N GLY A 187 14.29 -6.22 0.21
CA GLY A 187 15.29 -7.22 -0.11
C GLY A 187 15.28 -8.26 1.00
N GLN A 188 16.38 -8.36 1.74
CA GLN A 188 16.52 -9.45 2.72
C GLN A 188 16.10 -9.03 4.14
N SER A 189 15.27 -8.00 4.25
CA SER A 189 14.96 -7.45 5.55
C SER A 189 14.09 -8.39 6.37
N LEU A 190 13.03 -8.85 5.74
CA LEU A 190 12.09 -9.75 6.35
C LEU A 190 12.25 -11.21 5.91
N GLU A 191 13.29 -11.53 5.14
CA GLU A 191 13.46 -12.93 4.74
C GLU A 191 13.49 -13.87 5.95
N LEU A 192 12.93 -15.06 5.80
CA LEU A 192 12.77 -15.99 6.89
C LEU A 192 13.94 -16.91 6.94
N ASP A 193 14.42 -17.20 8.14
CA ASP A 193 15.39 -18.27 8.35
C ASP A 193 14.68 -19.61 8.48
N GLY A 194 13.39 -19.58 8.78
CA GLY A 194 12.67 -20.84 8.95
C GLY A 194 11.21 -20.67 9.15
N ILE A 195 10.46 -21.76 9.05
CA ILE A 195 9.03 -21.70 9.20
C ILE A 195 8.61 -22.86 10.09
N ILE A 196 7.73 -22.60 11.04
CA ILE A 196 7.13 -23.64 11.85
C ILE A 196 5.64 -23.73 11.46
N TYR A 197 5.26 -24.89 10.92
CA TYR A 197 3.90 -25.10 10.47
C TYR A 197 3.11 -25.86 11.52
N LEU A 198 2.08 -25.21 12.10
CA LEU A 198 1.17 -25.86 13.07
C LEU A 198 -0.05 -26.45 12.37
N GLN A 199 -0.05 -27.77 12.30
CA GLN A 199 -1.00 -28.50 11.49
C GLN A 199 -2.15 -28.99 12.37
N ALA A 200 -3.35 -28.63 11.98
CA ALA A 200 -4.56 -28.94 12.71
C ALA A 200 -5.59 -29.17 11.62
N THR A 201 -6.48 -30.15 11.81
CA THR A 201 -7.48 -30.46 10.79
C THR A 201 -8.48 -29.33 10.69
N PRO A 202 -9.19 -29.22 9.56
CA PRO A 202 -10.24 -28.23 9.46
C PRO A 202 -11.22 -28.31 10.64
N GLU A 203 -11.59 -29.54 11.00
CA GLU A 203 -12.59 -29.76 12.04
C GLU A 203 -12.10 -29.25 13.40
N THR A 204 -10.82 -29.47 13.71
CA THR A 204 -10.19 -28.91 14.91
C THR A 204 -10.25 -27.35 14.94
N CYS A 205 -9.78 -26.72 13.88
CA CYS A 205 -9.85 -25.27 13.73
C CYS A 205 -11.27 -24.76 13.88
N LEU A 206 -12.20 -25.42 13.21
CA LEU A 206 -13.59 -25.04 13.33
C LEU A 206 -14.06 -25.06 14.79
N HIS A 207 -13.72 -26.10 15.52
CA HIS A 207 -14.08 -26.16 16.93
C HIS A 207 -13.39 -25.04 17.74
N ARG A 208 -12.10 -24.85 17.50
CA ARG A 208 -11.33 -23.80 18.15
C ARG A 208 -11.81 -22.37 17.86
N ILE A 209 -12.35 -22.14 16.67
CA ILE A 209 -13.00 -20.88 16.38
C ILE A 209 -14.16 -20.65 17.32
N TYR A 210 -14.96 -21.68 17.54
CA TYR A 210 -16.07 -21.59 18.51
C TYR A 210 -15.59 -21.30 19.94
N LEU A 211 -14.59 -22.06 20.42
CA LEU A 211 -13.96 -21.87 21.74
C LEU A 211 -13.46 -20.43 21.95
N ARG A 212 -12.75 -19.93 20.94
CA ARG A 212 -12.17 -18.59 21.05
C ARG A 212 -13.27 -17.53 21.07
N GLY A 213 -14.26 -17.67 20.19
CA GLY A 213 -15.43 -16.80 20.21
C GLY A 213 -15.32 -15.43 19.56
N ARG A 214 -14.37 -15.29 18.65
CA ARG A 214 -14.16 -14.04 17.91
C ARG A 214 -15.37 -13.87 17.01
N ASN A 215 -16.02 -12.74 17.20
CA ASN A 215 -17.36 -12.55 16.73
C ASN A 215 -17.51 -12.67 15.24
N GLU A 216 -16.56 -12.13 14.50
CA GLU A 216 -16.68 -12.10 13.04
C GLU A 216 -16.39 -13.46 12.42
N GLU A 217 -15.82 -14.37 13.20
CA GLU A 217 -15.47 -15.68 12.65
C GLU A 217 -16.53 -16.73 12.85
N GLN A 218 -17.58 -16.37 13.56
CA GLN A 218 -18.57 -17.37 13.97
C GLN A 218 -19.43 -17.98 12.82
N GLY A 219 -19.53 -17.28 11.70
CA GLY A 219 -20.26 -17.82 10.50
C GLY A 219 -19.38 -18.58 9.50
N ILE A 220 -18.10 -18.78 9.81
CA ILE A 220 -17.19 -19.45 8.88
C ILE A 220 -17.52 -20.94 8.70
N PRO A 221 -17.83 -21.35 7.47
CA PRO A 221 -18.16 -22.75 7.22
C PRO A 221 -16.94 -23.63 7.14
N LEU A 222 -17.11 -24.91 7.41
CA LEU A 222 -16.02 -25.88 7.33
C LEU A 222 -15.36 -25.88 5.97
N GLU A 223 -16.15 -25.76 4.92
CA GLU A 223 -15.66 -25.67 3.53
C GLU A 223 -14.58 -24.59 3.31
N TYR A 224 -14.73 -23.43 3.94
CA TYR A 224 -13.72 -22.34 3.80
C TYR A 224 -12.39 -22.76 4.42
N LEU A 225 -12.44 -23.32 5.64
CA LEU A 225 -11.25 -23.77 6.41
C LEU A 225 -10.53 -24.90 5.69
N GLU A 226 -11.31 -25.73 5.02
CA GLU A 226 -10.76 -26.87 4.29
C GLU A 226 -9.96 -26.36 3.10
N LYS A 227 -10.46 -25.34 2.42
CA LYS A 227 -9.70 -24.74 1.34
C LYS A 227 -8.37 -24.13 1.81
N LEU A 228 -8.42 -23.42 2.92
CA LEU A 228 -7.20 -22.85 3.46
C LEU A 228 -6.25 -23.98 3.87
N HIS A 229 -6.84 -25.05 4.39
CA HIS A 229 -6.03 -26.21 4.81
C HIS A 229 -5.26 -26.75 3.62
N TYR A 230 -5.91 -27.02 2.52
CA TYR A 230 -5.19 -27.54 1.33
C TYR A 230 -4.05 -26.63 0.83
N LYS A 231 -4.18 -25.31 0.96
CA LYS A 231 -3.13 -24.37 0.53
C LYS A 231 -1.92 -24.45 1.45
N HIS A 232 -2.13 -24.59 2.77
CA HIS A 232 -0.97 -24.73 3.62
C HIS A 232 -0.25 -26.00 3.32
N GLU A 233 -0.98 -27.07 3.05
CA GLU A 233 -0.34 -28.38 2.85
C GLU A 233 0.51 -28.39 1.61
N SER A 234 0.00 -27.78 0.54
CA SER A 234 0.75 -27.59 -0.71
C SER A 234 2.00 -26.80 -0.52
N TRP A 235 1.89 -25.68 0.18
CA TRP A 235 3.04 -24.81 0.40
C TRP A 235 4.03 -25.45 1.35
N LEU A 236 3.51 -26.01 2.44
CA LEU A 236 4.35 -26.29 3.60
C LEU A 236 4.66 -27.75 3.81
N LEU A 237 3.86 -28.63 3.25
CA LEU A 237 4.08 -30.05 3.49
C LEU A 237 4.52 -30.81 2.24
N HIS A 238 3.72 -30.72 1.18
CA HIS A 238 4.03 -31.36 -0.10
C HIS A 238 5.02 -30.48 -0.89
N ARG A 239 5.06 -29.20 -0.51
CA ARG A 239 5.96 -28.16 -1.06
C ARG A 239 5.93 -28.06 -2.59
N THR A 240 4.73 -28.17 -3.14
CA THR A 240 4.53 -28.08 -4.57
C THR A 240 4.11 -26.69 -5.02
N LEU A 241 3.74 -25.84 -4.06
CA LEU A 241 3.23 -24.51 -4.40
C LEU A 241 4.38 -23.59 -4.76
N LYS A 242 4.34 -22.99 -5.96
CA LYS A 242 5.44 -22.17 -6.49
C LYS A 242 5.29 -20.69 -6.14
N THR A 243 6.35 -20.12 -5.61
CA THR A 243 6.33 -18.71 -5.27
C THR A 243 7.37 -17.96 -6.10
N ASN A 244 7.13 -16.65 -6.25
CA ASN A 244 8.07 -15.74 -6.87
C ASN A 244 9.30 -15.50 -6.02
N PHE A 245 9.39 -16.15 -4.87
CA PHE A 245 10.49 -15.92 -3.96
C PHE A 245 11.29 -17.20 -3.80
N ASP A 246 12.41 -17.23 -4.50
CA ASP A 246 13.16 -18.46 -4.77
C ASP A 246 13.73 -19.12 -3.53
N TYR A 247 14.27 -18.31 -2.62
CA TYR A 247 14.79 -18.83 -1.37
C TYR A 247 13.75 -19.69 -0.62
N LEU A 248 12.46 -19.37 -0.75
CA LEU A 248 11.47 -20.15 0.02
C LEU A 248 11.50 -21.64 -0.31
N GLN A 249 11.88 -21.94 -1.56
CA GLN A 249 11.94 -23.32 -2.00
C GLN A 249 12.90 -24.12 -1.11
N GLU A 250 13.84 -23.46 -0.43
CA GLU A 250 14.77 -24.20 0.43
C GLU A 250 14.82 -23.82 1.93
N VAL A 251 14.06 -22.81 2.36
CA VAL A 251 13.90 -22.48 3.80
C VAL A 251 13.51 -23.72 4.62
N PRO A 252 14.17 -23.94 5.77
CA PRO A 252 13.85 -25.07 6.62
C PRO A 252 12.45 -24.93 7.20
N ILE A 253 11.72 -26.05 7.21
CA ILE A 253 10.33 -26.11 7.69
C ILE A 253 10.16 -27.21 8.73
N LEU A 254 9.50 -26.86 9.83
CA LEU A 254 9.15 -27.78 10.86
C LEU A 254 7.64 -27.95 10.96
N THR A 255 7.15 -29.17 10.72
CA THR A 255 5.75 -29.44 10.85
C THR A 255 5.42 -30.07 12.17
N LEU A 256 4.47 -29.46 12.89
CA LEU A 256 4.05 -29.93 14.20
C LEU A 256 2.54 -30.18 14.21
N ASP A 257 2.07 -31.31 14.76
CA ASP A 257 0.65 -31.62 14.80
C ASP A 257 0.11 -31.07 16.11
N VAL A 258 -0.89 -30.18 16.00
CA VAL A 258 -1.47 -29.51 17.16
C VAL A 258 -2.97 -29.84 17.31
N ASN A 259 -3.37 -30.95 16.70
CA ASN A 259 -4.72 -31.49 16.87
C ASN A 259 -5.08 -31.92 18.29
N GLU A 260 -4.10 -32.26 19.13
CA GLU A 260 -4.42 -32.72 20.48
C GLU A 260 -4.61 -31.55 21.44
N ASP A 261 -5.33 -31.82 22.50
CA ASP A 261 -5.41 -30.94 23.60
C ASP A 261 -4.00 -30.55 24.05
N PHE A 262 -3.91 -29.32 24.54
CA PHE A 262 -2.64 -28.63 24.72
C PHE A 262 -1.64 -29.34 25.62
N LYS A 263 -2.09 -29.84 26.74
CA LYS A 263 -1.15 -30.49 27.65
C LYS A 263 -0.46 -31.66 26.97
N ASP A 264 -1.19 -32.35 26.11
CA ASP A 264 -0.88 -33.75 25.77
C ASP A 264 0.38 -33.92 24.94
N LYS A 265 0.85 -32.82 24.37
CA LYS A 265 1.94 -32.87 23.43
C LYS A 265 2.85 -31.65 23.52
N TYR A 266 2.60 -30.74 24.46
CA TYR A 266 3.38 -29.53 24.50
C TYR A 266 4.90 -29.79 24.68
N GLU A 267 5.23 -30.78 25.48
CA GLU A 267 6.62 -31.16 25.73
C GLU A 267 7.39 -31.56 24.48
N SER A 268 6.86 -32.52 23.73
CA SER A 268 7.50 -32.96 22.50
C SER A 268 7.66 -31.78 21.54
N LEU A 269 6.64 -30.93 21.48
CA LEU A 269 6.68 -29.74 20.58
C LEU A 269 7.81 -28.77 20.91
N VAL A 270 7.90 -28.38 22.17
CA VAL A 270 8.94 -27.47 22.61
C VAL A 270 10.31 -28.07 22.26
N GLU A 271 10.45 -29.38 22.45
CA GLU A 271 11.70 -30.09 22.11
C GLU A 271 12.06 -30.12 20.61
N LYS A 272 11.05 -30.37 19.76
CA LYS A 272 11.23 -30.26 18.32
C LYS A 272 11.62 -28.85 17.91
N VAL A 273 11.05 -27.86 18.62
CA VAL A 273 11.30 -26.48 18.25
C VAL A 273 12.75 -26.11 18.60
N LYS A 274 13.18 -26.37 19.84
CA LYS A 274 14.57 -26.10 20.25
C LYS A 274 15.61 -26.82 19.36
N GLU A 275 15.29 -28.06 18.97
CA GLU A 275 16.15 -28.82 18.07
C GLU A 275 16.24 -28.13 16.72
N PHE A 276 15.07 -27.81 16.15
CA PHE A 276 14.94 -27.07 14.87
C PHE A 276 15.78 -25.81 14.87
N LEU A 277 15.64 -25.02 15.92
CA LEU A 277 16.31 -23.72 15.98
C LEU A 277 17.83 -23.85 15.95
N SER A 278 18.35 -24.93 16.52
CA SER A 278 19.81 -25.12 16.51
C SER A 278 20.33 -25.60 15.15
N THR A 279 19.44 -26.10 14.27
CA THR A 279 19.81 -26.45 12.88
C THR A 279 20.07 -25.23 11.99
N LEU A 280 19.43 -24.11 12.32
CA LEU A 280 19.55 -22.88 11.51
C LEU A 280 20.94 -22.16 11.61
N ARG B 40 20.45 14.90 -4.19
CA ARG B 40 20.87 16.22 -4.79
C ARG B 40 20.04 16.68 -6.02
N ILE B 41 19.11 15.85 -6.47
CA ILE B 41 18.26 16.22 -7.60
C ILE B 41 17.15 17.11 -7.03
N LYS B 42 16.81 18.17 -7.76
CA LYS B 42 15.71 19.03 -7.32
C LYS B 42 14.43 18.42 -7.87
N LYS B 43 13.44 18.30 -7.02
CA LYS B 43 12.22 17.64 -7.40
C LYS B 43 11.12 18.69 -7.44
N ILE B 44 10.55 18.87 -8.61
CA ILE B 44 9.53 19.91 -8.77
C ILE B 44 8.23 19.26 -9.16
N SER B 45 7.14 19.45 -8.43
CA SER B 45 5.92 18.85 -8.93
C SER B 45 5.11 19.83 -9.75
N ILE B 46 4.58 19.36 -10.88
CA ILE B 46 3.76 20.16 -11.74
C ILE B 46 2.34 19.73 -11.42
N GLU B 47 1.52 20.67 -10.96
CA GLU B 47 0.14 20.37 -10.51
C GLU B 47 -0.90 21.15 -11.34
N GLY B 48 -2.13 20.67 -11.40
CA GLY B 48 -3.21 21.41 -12.05
C GLY B 48 -4.29 20.41 -12.41
N ASN B 49 -5.42 20.94 -12.87
CA ASN B 49 -6.57 20.13 -13.13
C ASN B 49 -6.32 19.17 -14.32
N ILE B 50 -7.25 18.26 -14.54
CA ILE B 50 -7.19 17.37 -15.69
C ILE B 50 -7.25 18.16 -16.97
N ALA B 51 -6.24 17.94 -17.80
CA ALA B 51 -6.09 18.53 -19.12
C ALA B 51 -5.74 20.00 -19.09
N ALA B 52 -5.35 20.51 -17.92
CA ALA B 52 -4.83 21.88 -17.87
C ALA B 52 -3.68 22.11 -18.89
N GLY B 53 -2.87 21.10 -19.15
CA GLY B 53 -1.75 21.28 -20.07
C GLY B 53 -0.41 20.92 -19.47
N LYS B 54 -0.38 20.06 -18.45
CA LYS B 54 0.87 19.69 -17.76
C LYS B 54 1.89 18.85 -18.51
N SER B 55 1.50 17.72 -19.12
CA SER B 55 2.48 16.97 -19.95
C SER B 55 2.98 17.82 -21.09
N THR B 56 2.07 18.52 -21.75
CA THR B 56 2.50 19.40 -22.86
C THR B 56 3.59 20.34 -22.37
N PHE B 57 3.31 21.10 -21.31
CA PHE B 57 4.19 22.18 -20.93
C PHE B 57 5.52 21.60 -20.50
N VAL B 58 5.45 20.51 -19.75
CA VAL B 58 6.64 19.93 -19.20
C VAL B 58 7.49 19.20 -20.24
N ASN B 59 6.85 18.60 -21.25
CA ASN B 59 7.64 18.04 -22.33
C ASN B 59 8.37 19.12 -23.12
N ILE B 60 7.80 20.32 -23.17
CA ILE B 60 8.43 21.49 -23.79
C ILE B 60 9.62 21.90 -22.98
N LEU B 61 9.40 22.03 -21.69
CA LEU B 61 10.37 22.59 -20.79
C LEU B 61 11.61 21.71 -20.60
N LYS B 62 11.42 20.41 -20.72
CA LYS B 62 12.49 19.44 -20.59
C LYS B 62 13.67 19.73 -21.56
N GLN B 63 13.40 20.24 -22.77
CA GLN B 63 14.43 20.36 -23.80
C GLN B 63 15.45 21.47 -23.55
N LEU B 64 15.18 22.37 -22.60
CA LEU B 64 16.10 23.47 -22.32
C LEU B 64 17.41 23.03 -21.68
N SER B 65 17.38 21.94 -20.90
CA SER B 65 18.61 21.45 -20.30
C SER B 65 18.69 19.95 -20.40
N GLU B 66 19.88 19.49 -20.73
CA GLU B 66 20.26 18.10 -20.55
C GLU B 66 20.06 17.67 -19.06
N ASP B 67 20.13 18.64 -18.13
CA ASP B 67 20.09 18.42 -16.67
C ASP B 67 18.67 18.15 -16.14
N TRP B 68 17.68 18.38 -16.98
CA TRP B 68 16.25 18.37 -16.65
C TRP B 68 15.59 17.14 -17.23
N GLU B 69 14.84 16.42 -16.39
CA GLU B 69 14.06 15.26 -16.83
C GLU B 69 12.66 15.24 -16.22
N VAL B 70 11.75 14.52 -16.86
CA VAL B 70 10.38 14.42 -16.40
C VAL B 70 9.99 12.99 -16.02
N VAL B 71 9.17 12.88 -14.97
CA VAL B 71 8.48 11.64 -14.61
C VAL B 71 6.98 11.81 -14.92
N PRO B 72 6.51 11.15 -16.01
CA PRO B 72 5.13 11.36 -16.42
C PRO B 72 4.17 10.62 -15.49
N GLU B 73 2.96 11.14 -15.38
CA GLU B 73 1.91 10.47 -14.69
C GLU B 73 1.53 9.21 -15.48
N PRO B 74 1.55 8.03 -14.80
CA PRO B 74 1.49 6.74 -15.48
C PRO B 74 0.10 6.34 -15.94
N VAL B 75 -0.58 7.25 -16.63
CA VAL B 75 -1.96 7.03 -17.03
C VAL B 75 -2.09 5.80 -17.96
N ALA B 76 -1.04 5.48 -18.71
CA ALA B 76 -1.06 4.33 -19.60
C ALA B 76 -1.12 3.00 -18.84
N ARG B 77 -0.49 2.96 -17.67
CA ARG B 77 -0.53 1.80 -16.81
C ARG B 77 -1.91 1.67 -16.19
N TRP B 78 -2.62 2.78 -16.02
CA TRP B 78 -3.92 2.75 -15.36
C TRP B 78 -4.99 2.25 -16.29
N SER B 79 -4.80 2.55 -17.56
CA SER B 79 -5.79 2.22 -18.58
C SER B 79 -5.63 0.75 -19.03
N ASN B 80 -4.53 0.08 -18.69
CA ASN B 80 -4.32 -1.31 -19.12
C ASN B 80 -3.52 -1.99 -18.02
N VAL B 81 -4.23 -2.67 -17.12
CA VAL B 81 -3.58 -3.12 -15.91
C VAL B 81 -2.79 -4.38 -16.19
N GLN B 82 -1.46 -4.30 -16.00
CA GLN B 82 -0.54 -5.36 -16.35
C GLN B 82 0.69 -5.43 -15.47
N ASN B 97 -4.10 -8.04 -23.04
CA ASN B 97 -4.30 -6.73 -22.40
C ASN B 97 -5.23 -6.80 -21.16
N GLY B 98 -4.87 -6.02 -20.12
CA GLY B 98 -5.56 -6.07 -18.83
C GLY B 98 -6.76 -5.17 -18.64
N GLY B 99 -7.19 -5.05 -17.39
CA GLY B 99 -8.36 -4.25 -17.07
C GLY B 99 -8.08 -2.76 -17.20
N ASN B 100 -9.14 -2.00 -17.37
CA ASN B 100 -9.02 -0.58 -17.45
C ASN B 100 -9.58 -0.07 -16.15
N VAL B 101 -8.69 0.11 -15.17
CA VAL B 101 -9.14 0.47 -13.83
C VAL B 101 -9.48 1.96 -13.78
N LEU B 102 -8.86 2.74 -14.67
CA LEU B 102 -9.28 4.14 -14.81
C LEU B 102 -10.76 4.22 -15.22
N GLN B 103 -11.13 3.54 -16.30
CA GLN B 103 -12.54 3.43 -16.71
C GLN B 103 -13.44 2.81 -15.61
N MET B 104 -12.99 1.76 -14.93
CA MET B 104 -13.84 1.20 -13.84
C MET B 104 -14.18 2.30 -12.80
N MET B 105 -13.23 3.17 -12.47
CA MET B 105 -13.45 4.19 -11.42
C MET B 105 -14.43 5.27 -11.89
N TYR B 106 -14.44 5.54 -13.19
CA TYR B 106 -15.31 6.59 -13.70
C TYR B 106 -16.73 6.06 -13.84
N GLU B 107 -16.86 4.80 -14.25
CA GLU B 107 -18.18 4.19 -14.44
C GLU B 107 -18.81 3.71 -13.13
N LYS B 108 -17.98 3.20 -12.22
CA LYS B 108 -18.46 2.68 -10.94
C LYS B 108 -17.63 3.22 -9.80
N PRO B 109 -17.73 4.52 -9.57
CA PRO B 109 -16.81 5.10 -8.60
C PRO B 109 -17.01 4.56 -7.16
N GLU B 110 -18.25 4.23 -6.77
CA GLU B 110 -18.52 3.76 -5.40
C GLU B 110 -17.94 2.36 -5.17
N ARG B 111 -17.72 1.64 -6.27
CA ARG B 111 -17.11 0.34 -6.27
C ARG B 111 -15.58 0.32 -6.44
N TRP B 112 -15.04 1.18 -7.32
CA TRP B 112 -13.65 1.07 -7.80
C TRP B 112 -12.72 2.17 -7.36
N SER B 113 -13.24 3.18 -6.68
CA SER B 113 -12.42 4.32 -6.27
C SER B 113 -11.23 4.01 -5.36
N PHE B 114 -11.47 3.29 -4.27
CA PHE B 114 -10.38 2.94 -3.38
C PHE B 114 -9.37 2.17 -4.16
N THR B 115 -9.82 1.19 -4.94
CA THR B 115 -8.87 0.32 -5.69
C THR B 115 -8.06 1.15 -6.67
N PHE B 116 -8.73 2.03 -7.42
CA PHE B 116 -8.03 2.95 -8.35
C PHE B 116 -6.99 3.82 -7.64
N GLN B 117 -7.39 4.46 -6.54
CA GLN B 117 -6.51 5.38 -5.84
C GLN B 117 -5.24 4.70 -5.31
N THR B 118 -5.36 3.50 -4.78
CA THR B 118 -4.16 2.82 -4.29
C THR B 118 -3.28 2.49 -5.43
N TYR B 119 -3.83 1.94 -6.51
CA TYR B 119 -2.99 1.64 -7.69
C TYR B 119 -2.33 2.91 -8.28
N ALA B 120 -3.11 4.00 -8.32
CA ALA B 120 -2.64 5.29 -8.83
C ALA B 120 -1.45 5.74 -8.02
N CYS B 121 -1.59 5.78 -6.71
CA CYS B 121 -0.51 6.30 -5.89
C CYS B 121 0.71 5.42 -5.97
N LEU B 122 0.47 4.12 -5.95
CA LEU B 122 1.58 3.16 -6.03
C LEU B 122 2.38 3.30 -7.34
N SER B 123 1.66 3.44 -8.46
CA SER B 123 2.35 3.48 -9.75
C SER B 123 3.19 4.74 -9.83
N ARG B 124 2.70 5.83 -9.22
CA ARG B 124 3.40 7.08 -9.21
C ARG B 124 4.69 6.97 -8.39
N ILE B 125 4.60 6.46 -7.16
CA ILE B 125 5.79 6.33 -6.30
C ILE B 125 6.83 5.45 -6.93
N ARG B 126 6.38 4.33 -7.49
CA ARG B 126 7.26 3.43 -8.17
C ARG B 126 8.00 4.18 -9.26
N ALA B 127 7.28 4.89 -10.13
CA ALA B 127 7.93 5.61 -11.23
C ALA B 127 8.84 6.73 -10.72
N GLN B 128 8.40 7.49 -9.69
CA GLN B 128 9.23 8.59 -9.18
C GLN B 128 10.54 8.09 -8.54
N LEU B 129 10.47 6.97 -7.83
CA LEU B 129 11.64 6.45 -7.16
C LEU B 129 12.59 5.92 -8.20
N ALA B 130 12.06 5.38 -9.29
CA ALA B 130 12.95 4.76 -10.28
C ALA B 130 13.77 5.82 -11.02
N SER B 131 13.17 6.99 -11.29
CA SER B 131 13.85 8.09 -12.00
C SER B 131 14.92 8.75 -11.16
N LEU B 132 14.71 8.76 -9.85
CA LEU B 132 15.67 9.33 -8.92
C LEU B 132 16.94 8.49 -8.85
N ASN B 133 16.74 7.17 -8.91
CA ASN B 133 17.75 6.20 -8.55
C ASN B 133 18.77 6.01 -9.65
N GLY B 134 18.34 6.27 -10.87
CA GLY B 134 19.19 6.04 -12.02
C GLY B 134 18.69 6.91 -13.14
N LYS B 135 19.21 8.13 -13.15
CA LYS B 135 18.98 9.10 -14.22
C LYS B 135 19.61 10.43 -13.76
N LEU B 136 20.20 11.18 -14.68
CA LEU B 136 20.93 12.43 -14.33
C LEU B 136 22.14 12.13 -13.46
N LYS B 137 22.20 12.80 -12.30
CA LYS B 137 23.21 12.61 -11.23
C LYS B 137 24.70 12.66 -11.64
N ASP B 138 25.01 12.28 -12.87
CA ASP B 138 26.23 12.74 -13.52
C ASP B 138 25.80 14.00 -14.28
N ALA B 139 25.30 14.98 -13.52
CA ALA B 139 24.80 16.22 -14.06
C ALA B 139 25.05 17.42 -13.13
N GLU B 140 25.44 18.53 -13.74
CA GLU B 140 25.75 19.77 -13.04
C GLU B 140 24.64 20.17 -12.06
N LYS B 141 23.49 20.61 -12.58
CA LYS B 141 22.33 20.96 -11.74
C LYS B 141 21.04 20.16 -12.12
N PRO B 142 20.94 18.90 -11.67
CA PRO B 142 19.84 18.03 -12.07
C PRO B 142 18.44 18.49 -11.58
N VAL B 143 17.46 18.57 -12.48
CA VAL B 143 16.09 18.78 -12.04
C VAL B 143 15.17 17.65 -12.53
N LEU B 144 14.37 17.11 -11.60
CA LEU B 144 13.31 16.18 -11.96
C LEU B 144 11.91 16.81 -11.80
N PHE B 145 11.13 16.86 -12.87
CA PHE B 145 9.77 17.34 -12.79
C PHE B 145 8.83 16.16 -12.69
N PHE B 146 8.04 16.12 -11.63
CA PHE B 146 6.99 15.13 -11.46
C PHE B 146 5.69 15.68 -12.02
N GLU B 147 5.01 14.95 -12.92
CA GLU B 147 3.62 15.26 -13.23
C GLU B 147 2.79 14.84 -11.98
N ARG B 148 2.42 15.82 -11.16
CA ARG B 148 1.71 15.62 -9.87
C ARG B 148 2.53 14.90 -8.83
N SER B 149 1.96 14.68 -7.67
CA SER B 149 2.74 14.16 -6.54
C SER B 149 1.92 13.21 -5.73
N VAL B 150 2.51 12.61 -4.72
CA VAL B 150 1.71 11.76 -3.85
C VAL B 150 0.76 12.58 -2.99
N TYR B 151 0.96 13.90 -2.98
CA TYR B 151 0.13 14.81 -2.17
C TYR B 151 -1.13 15.19 -2.86
N SER B 152 -1.09 15.34 -4.16
CA SER B 152 -2.36 15.55 -4.87
C SER B 152 -3.15 14.27 -4.93
N ASP B 153 -2.47 13.16 -5.08
CA ASP B 153 -3.15 11.87 -5.04
C ASP B 153 -4.07 11.87 -3.83
N ARG B 154 -3.51 12.19 -2.67
CA ARG B 154 -4.29 12.03 -1.45
C ARG B 154 -5.24 13.20 -1.14
N TYR B 155 -4.72 14.42 -1.18
CA TYR B 155 -5.43 15.60 -0.73
C TYR B 155 -6.30 16.27 -1.76
N ILE B 156 -6.16 15.92 -3.02
CA ILE B 156 -7.08 16.44 -4.04
C ILE B 156 -8.00 15.34 -4.47
N PHE B 157 -7.44 14.35 -5.16
CA PHE B 157 -8.27 13.33 -5.77
C PHE B 157 -8.93 12.40 -4.80
N ALA B 158 -8.16 11.78 -3.93
CA ALA B 158 -8.80 10.80 -3.02
C ALA B 158 -9.71 11.50 -2.07
N SER B 159 -9.25 12.61 -1.58
CA SER B 159 -10.06 13.42 -0.68
C SER B 159 -11.41 13.74 -1.32
N ASN B 160 -11.44 14.01 -2.63
CA ASN B 160 -12.66 14.42 -3.34
C ASN B 160 -13.58 13.25 -3.51
N LEU B 161 -13.00 12.06 -3.71
CA LEU B 161 -13.80 10.86 -3.75
C LEU B 161 -14.43 10.59 -2.38
N TYR B 162 -13.70 10.87 -1.32
CA TYR B 162 -14.25 10.68 0.00
C TYR B 162 -15.40 11.66 0.22
N GLU B 163 -15.17 12.95 0.00
CA GLU B 163 -16.27 13.96 0.09
C GLU B 163 -17.49 13.73 -0.79
N SER B 164 -17.31 13.00 -1.89
CA SER B 164 -18.40 12.60 -2.78
C SER B 164 -19.12 11.31 -2.38
N GLU B 165 -18.63 10.66 -1.34
CA GLU B 165 -19.20 9.38 -0.90
C GLU B 165 -18.85 8.24 -1.88
N SER B 166 -17.83 8.42 -2.73
CA SER B 166 -17.34 7.32 -3.56
C SER B 166 -16.44 6.36 -2.82
N MET B 167 -15.83 6.82 -1.76
CA MET B 167 -15.19 5.92 -0.80
C MET B 167 -15.89 6.06 0.52
N ASN B 168 -16.14 4.94 1.20
CA ASN B 168 -16.70 5.09 2.55
C ASN B 168 -15.65 5.41 3.59
N GLU B 169 -16.08 5.58 4.83
CA GLU B 169 -15.18 5.96 5.92
C GLU B 169 -14.09 4.94 6.21
N THR B 170 -14.42 3.64 6.14
CA THR B 170 -13.42 2.58 6.27
C THR B 170 -12.40 2.66 5.14
N GLU B 171 -12.87 2.73 3.91
CA GLU B 171 -11.98 2.82 2.75
C GLU B 171 -11.03 4.01 2.89
N TRP B 172 -11.56 5.15 3.32
CA TRP B 172 -10.78 6.38 3.45
C TRP B 172 -9.74 6.30 4.56
N THR B 173 -10.12 5.69 5.68
CA THR B 173 -9.21 5.43 6.83
C THR B 173 -8.07 4.49 6.42
N ILE B 174 -8.42 3.47 5.63
CA ILE B 174 -7.40 2.52 5.14
C ILE B 174 -6.51 3.24 4.17
N TYR B 175 -7.09 3.99 3.21
CA TYR B 175 -6.28 4.76 2.28
C TYR B 175 -5.28 5.66 3.02
N GLN B 176 -5.76 6.39 4.02
CA GLN B 176 -4.84 7.31 4.70
C GLN B 176 -3.76 6.60 5.48
N ASP B 177 -4.10 5.49 6.11
CA ASP B 177 -3.11 4.65 6.84
C ASP B 177 -2.08 4.10 5.83
N TRP B 178 -2.57 3.58 4.73
CA TRP B 178 -1.69 3.05 3.67
C TRP B 178 -0.77 4.18 3.13
N HIS B 179 -1.34 5.36 2.86
CA HIS B 179 -0.57 6.50 2.34
C HIS B 179 0.45 6.96 3.34
N ASP B 180 0.07 7.11 4.63
CA ASP B 180 1.00 7.53 5.69
C ASP B 180 2.18 6.58 5.77
N TRP B 181 1.89 5.28 5.87
CA TRP B 181 2.98 4.32 5.94
C TRP B 181 3.82 4.27 4.65
N MET B 182 3.18 4.16 3.50
CA MET B 182 3.91 4.12 2.22
C MET B 182 4.85 5.29 2.02
N ASN B 183 4.40 6.49 2.38
CA ASN B 183 5.27 7.66 2.30
C ASN B 183 6.38 7.80 3.34
N ASN B 184 6.10 7.50 4.59
CA ASN B 184 7.13 7.52 5.62
C ASN B 184 8.31 6.58 5.30
N GLN B 185 8.07 5.43 4.68
CA GLN B 185 9.17 4.56 4.23
C GLN B 185 9.76 5.04 2.90
N PHE B 186 9.13 4.53 1.84
CA PHE B 186 9.58 4.62 0.44
C PHE B 186 9.75 6.03 -0.09
N GLY B 187 8.96 6.98 0.40
CA GLY B 187 8.91 8.33 -0.19
C GLY B 187 9.67 9.47 0.45
N GLN B 188 10.72 9.13 1.22
CA GLN B 188 11.57 10.13 1.88
C GLN B 188 12.47 10.88 0.87
N SER B 189 12.94 10.12 -0.13
CA SER B 189 13.79 10.65 -1.15
C SER B 189 13.00 11.51 -2.12
N LEU B 190 11.68 11.50 -1.97
CA LEU B 190 10.77 12.20 -2.89
C LEU B 190 10.28 13.60 -2.46
N GLU B 191 10.78 14.17 -1.37
CA GLU B 191 10.31 15.51 -0.92
C GLU B 191 10.55 16.59 -1.96
N LEU B 192 9.54 17.40 -2.16
CA LEU B 192 9.55 18.46 -3.17
C LEU B 192 10.37 19.65 -2.73
N ASP B 193 11.15 20.15 -3.68
CA ASP B 193 11.80 21.45 -3.56
C ASP B 193 10.90 22.63 -4.01
N GLY B 194 9.96 22.38 -4.90
CA GLY B 194 9.09 23.46 -5.35
C GLY B 194 7.92 22.87 -6.07
N ILE B 195 6.93 23.71 -6.31
CA ILE B 195 5.70 23.26 -7.00
C ILE B 195 5.38 24.26 -8.10
N ILE B 196 5.07 23.75 -9.30
CA ILE B 196 4.56 24.63 -10.36
C ILE B 196 3.07 24.34 -10.51
N TYR B 197 2.25 25.36 -10.26
CA TYR B 197 0.78 25.27 -10.43
C TYR B 197 0.34 25.82 -11.79
N LEU B 198 -0.09 24.96 -12.70
CA LEU B 198 -0.72 25.44 -13.94
C LEU B 198 -2.19 25.65 -13.74
N GLN B 199 -2.66 26.91 -13.75
CA GLN B 199 -4.11 27.12 -13.61
C GLN B 199 -4.76 27.35 -14.95
N ALA B 200 -5.89 26.69 -15.14
CA ALA B 200 -6.74 26.85 -16.28
C ALA B 200 -8.12 26.64 -15.69
N THR B 201 -9.10 27.36 -16.20
CA THR B 201 -10.46 27.24 -15.69
C THR B 201 -11.06 25.88 -15.97
N PRO B 202 -12.06 25.48 -15.19
CA PRO B 202 -12.69 24.22 -15.51
C PRO B 202 -13.28 24.12 -16.93
N GLU B 203 -13.67 25.24 -17.54
CA GLU B 203 -14.19 25.24 -18.95
C GLU B 203 -13.07 24.94 -19.99
N THR B 204 -11.91 25.54 -19.77
CA THR B 204 -10.71 25.25 -20.54
C THR B 204 -10.33 23.79 -20.41
N CYS B 205 -10.34 23.28 -19.18
CA CYS B 205 -9.96 21.90 -18.95
C CYS B 205 -10.97 20.99 -19.60
N LEU B 206 -12.26 21.34 -19.55
CA LEU B 206 -13.25 20.54 -20.24
C LEU B 206 -13.03 20.51 -21.75
N HIS B 207 -12.81 21.68 -22.35
CA HIS B 207 -12.48 21.78 -23.79
C HIS B 207 -11.25 20.89 -24.13
N ARG B 208 -10.20 20.99 -23.32
CA ARG B 208 -8.97 20.25 -23.55
C ARG B 208 -9.13 18.73 -23.35
N ILE B 209 -10.08 18.33 -22.54
CA ILE B 209 -10.45 16.92 -22.49
C ILE B 209 -11.03 16.39 -23.84
N TYR B 210 -11.93 17.16 -24.47
CA TYR B 210 -12.45 16.81 -25.82
C TYR B 210 -11.29 16.82 -26.82
N LEU B 211 -10.53 17.91 -26.85
CA LEU B 211 -9.40 18.01 -27.77
C LEU B 211 -8.43 16.82 -27.71
N ARG B 212 -8.04 16.42 -26.49
CA ARG B 212 -7.11 15.30 -26.30
C ARG B 212 -7.72 13.96 -26.71
N GLY B 213 -8.98 13.74 -26.36
CA GLY B 213 -9.73 12.55 -26.80
C GLY B 213 -9.55 11.22 -26.06
N ARG B 214 -9.02 11.23 -24.82
CA ARG B 214 -8.99 9.97 -24.05
C ARG B 214 -10.42 9.48 -23.85
N ASN B 215 -10.68 8.24 -24.27
CA ASN B 215 -12.03 7.66 -24.20
C ASN B 215 -12.63 7.61 -22.79
N GLU B 216 -11.86 7.17 -21.81
CA GLU B 216 -12.33 7.12 -20.40
C GLU B 216 -12.79 8.46 -19.80
N GLU B 217 -12.43 9.58 -20.43
CA GLU B 217 -12.66 10.90 -19.85
C GLU B 217 -13.82 11.68 -20.47
N GLN B 218 -14.30 11.20 -21.63
CA GLN B 218 -15.23 12.00 -22.44
C GLN B 218 -16.59 12.31 -21.76
N GLY B 219 -16.94 11.53 -20.74
CA GLY B 219 -18.14 11.80 -19.97
C GLY B 219 -17.94 12.56 -18.68
N ILE B 220 -16.75 13.13 -18.46
CA ILE B 220 -16.51 13.93 -17.28
C ILE B 220 -17.39 15.20 -17.35
N PRO B 221 -18.27 15.42 -16.35
CA PRO B 221 -19.05 16.68 -16.34
C PRO B 221 -18.23 17.87 -15.85
N LEU B 222 -18.57 19.06 -16.35
CA LEU B 222 -17.98 20.31 -15.90
C LEU B 222 -17.94 20.42 -14.38
N GLU B 223 -19.02 20.03 -13.71
CA GLU B 223 -19.16 20.18 -12.27
C GLU B 223 -18.11 19.34 -11.52
N TYR B 224 -17.77 18.19 -12.07
CA TYR B 224 -16.67 17.41 -11.52
C TYR B 224 -15.33 18.18 -11.58
N LEU B 225 -15.03 18.80 -12.72
CA LEU B 225 -13.81 19.59 -12.89
C LEU B 225 -13.82 20.83 -11.99
N GLU B 226 -14.99 21.46 -11.81
CA GLU B 226 -15.13 22.59 -10.84
C GLU B 226 -14.75 22.18 -9.43
N LYS B 227 -15.14 20.98 -9.00
CA LYS B 227 -14.79 20.51 -7.64
C LYS B 227 -13.30 20.30 -7.51
N LEU B 228 -12.67 19.72 -8.53
CA LEU B 228 -11.21 19.52 -8.48
C LEU B 228 -10.47 20.89 -8.53
N HIS B 229 -11.01 21.83 -9.28
CA HIS B 229 -10.42 23.15 -9.35
C HIS B 229 -10.41 23.84 -7.96
N TYR B 230 -11.56 23.86 -7.27
CA TYR B 230 -11.64 24.51 -5.94
C TYR B 230 -10.62 23.92 -4.95
N LYS B 231 -10.40 22.61 -5.04
CA LYS B 231 -9.42 21.93 -4.20
C LYS B 231 -7.99 22.37 -4.54
N HIS B 232 -7.67 22.47 -5.82
CA HIS B 232 -6.33 22.94 -6.15
C HIS B 232 -6.16 24.34 -5.61
N GLU B 233 -7.20 25.16 -5.78
CA GLU B 233 -7.09 26.60 -5.39
C GLU B 233 -6.92 26.70 -3.88
N SER B 234 -7.58 25.82 -3.16
CA SER B 234 -7.51 25.87 -1.72
C SER B 234 -6.14 25.39 -1.30
N TRP B 235 -5.57 24.42 -2.03
CA TRP B 235 -4.23 23.93 -1.69
C TRP B 235 -3.12 24.94 -2.09
N LEU B 236 -3.15 25.38 -3.33
CA LEU B 236 -1.98 26.00 -3.91
C LEU B 236 -2.13 27.50 -4.08
N LEU B 237 -3.36 27.99 -4.03
CA LEU B 237 -3.51 29.43 -4.21
C LEU B 237 -3.85 30.13 -2.87
N HIS B 238 -4.93 29.67 -2.22
CA HIS B 238 -5.34 30.21 -0.93
C HIS B 238 -4.56 29.61 0.22
N ARG B 239 -3.92 28.47 -0.01
CA ARG B 239 -3.12 27.78 1.00
C ARG B 239 -3.86 27.51 2.32
N THR B 240 -5.15 27.26 2.22
CA THR B 240 -5.98 26.95 3.37
C THR B 240 -6.07 25.45 3.62
N LEU B 241 -5.73 24.65 2.61
CA LEU B 241 -5.75 23.19 2.73
C LEU B 241 -4.44 22.70 3.38
N LYS B 242 -4.55 22.15 4.59
CA LYS B 242 -3.41 21.68 5.38
C LYS B 242 -3.19 20.17 5.20
N THR B 243 -1.94 19.76 5.03
CA THR B 243 -1.64 18.32 4.93
C THR B 243 -1.11 17.80 6.26
N ASN B 244 -0.86 16.51 6.34
CA ASN B 244 -0.16 15.99 7.50
C ASN B 244 1.36 15.87 7.25
N PHE B 245 1.83 16.65 6.27
CA PHE B 245 3.24 16.80 5.91
C PHE B 245 3.71 18.23 6.12
N ASP B 246 4.41 18.46 7.23
CA ASP B 246 4.69 19.83 7.68
C ASP B 246 5.66 20.64 6.79
N TYR B 247 6.60 19.95 6.14
CA TYR B 247 7.56 20.59 5.23
C TYR B 247 6.90 21.25 4.05
N LEU B 248 5.73 20.73 3.67
CA LEU B 248 4.98 21.23 2.52
C LEU B 248 4.57 22.69 2.63
N GLN B 249 4.43 23.19 3.86
CA GLN B 249 4.01 24.59 4.03
C GLN B 249 5.11 25.60 3.69
N GLU B 250 6.38 25.19 3.68
CA GLU B 250 7.44 26.09 3.23
C GLU B 250 7.92 25.82 1.79
N VAL B 251 7.20 24.99 1.05
CA VAL B 251 7.66 24.70 -0.32
C VAL B 251 7.17 25.83 -1.23
N PRO B 252 8.07 26.50 -1.96
CA PRO B 252 7.68 27.62 -2.84
C PRO B 252 6.78 27.16 -3.97
N ILE B 253 5.77 27.95 -4.29
CA ILE B 253 4.82 27.67 -5.40
C ILE B 253 4.90 28.72 -6.53
N LEU B 254 5.07 28.26 -7.75
CA LEU B 254 4.93 29.14 -8.93
C LEU B 254 3.59 28.87 -9.58
N THR B 255 2.73 29.89 -9.60
CA THR B 255 1.48 29.78 -10.28
C THR B 255 1.63 30.35 -11.67
N LEU B 256 1.26 29.55 -12.67
CA LEU B 256 1.24 29.97 -14.08
C LEU B 256 -0.17 29.88 -14.66
N ASP B 257 -0.60 30.95 -15.33
CA ASP B 257 -1.89 31.01 -15.99
C ASP B 257 -1.74 30.36 -17.36
N VAL B 258 -2.49 29.29 -17.62
CA VAL B 258 -2.33 28.64 -18.91
C VAL B 258 -3.63 28.58 -19.67
N ASN B 259 -4.54 29.50 -19.37
CA ASN B 259 -5.87 29.49 -20.00
C ASN B 259 -5.88 29.77 -21.52
N GLU B 260 -4.87 30.49 -21.98
CA GLU B 260 -4.73 30.87 -23.37
C GLU B 260 -4.14 29.75 -24.23
N ASP B 261 -4.39 29.83 -25.54
CA ASP B 261 -3.70 29.03 -26.56
C ASP B 261 -2.17 29.14 -26.43
N PHE B 262 -1.43 28.07 -26.68
CA PHE B 262 0.02 28.07 -26.41
C PHE B 262 0.96 29.07 -27.10
N LYS B 263 0.54 29.72 -28.19
CA LYS B 263 1.38 30.77 -28.79
C LYS B 263 1.41 32.02 -27.89
N ASP B 264 0.34 32.19 -27.11
CA ASP B 264 0.05 33.44 -26.44
C ASP B 264 1.08 33.83 -25.36
N LYS B 265 1.48 32.87 -24.54
CA LYS B 265 2.25 33.17 -23.35
C LYS B 265 3.48 32.29 -23.10
N TYR B 266 3.75 31.33 -23.99
CA TYR B 266 4.69 30.27 -23.60
C TYR B 266 6.14 30.72 -23.35
N GLU B 267 6.56 31.79 -24.00
CA GLU B 267 7.87 32.39 -23.74
C GLU B 267 7.95 32.93 -22.31
N SER B 268 7.00 33.76 -21.91
CA SER B 268 7.02 34.28 -20.56
C SER B 268 7.01 33.12 -19.52
N LEU B 269 6.17 32.11 -19.77
CA LEU B 269 6.03 30.98 -18.85
C LEU B 269 7.33 30.21 -18.67
N VAL B 270 7.94 29.75 -19.76
CA VAL B 270 9.23 29.06 -19.71
C VAL B 270 10.28 29.86 -18.92
N GLU B 271 10.31 31.17 -19.16
CA GLU B 271 11.26 32.05 -18.53
C GLU B 271 10.98 32.18 -17.04
N LYS B 272 9.69 32.26 -16.69
CA LYS B 272 9.33 32.30 -15.28
C LYS B 272 9.78 31.01 -14.56
N VAL B 273 9.68 29.86 -15.24
CA VAL B 273 10.17 28.62 -14.66
C VAL B 273 11.68 28.69 -14.43
N LYS B 274 12.43 29.16 -15.42
CA LYS B 274 13.86 29.37 -15.24
C LYS B 274 14.19 30.35 -14.08
N GLU B 275 13.48 31.46 -14.01
CA GLU B 275 13.62 32.38 -12.86
C GLU B 275 13.41 31.60 -11.54
N PHE B 276 12.25 30.96 -11.44
CA PHE B 276 11.84 30.23 -10.26
C PHE B 276 12.84 29.17 -9.85
N LEU B 277 13.38 28.40 -10.79
CA LEU B 277 14.29 27.32 -10.44
C LEU B 277 15.68 27.81 -9.95
N SER B 278 16.12 28.99 -10.40
CA SER B 278 17.44 29.50 -10.01
C SER B 278 17.43 29.89 -8.54
N THR B 279 16.24 30.17 -8.02
CA THR B 279 16.05 30.56 -6.63
C THR B 279 16.22 29.40 -5.64
N LEU B 280 15.86 28.18 -6.04
CA LEU B 280 15.83 27.00 -5.13
C LEU B 280 17.23 26.38 -4.83
PB ADP C . -4.52 -18.83 16.12
O1B ADP C . -5.71 -18.28 15.40
O2B ADP C . -3.53 -17.97 16.77
O3B ADP C . -3.87 -19.89 15.24
PA ADP C . -5.29 -19.35 18.89
O1A ADP C . -3.87 -19.51 19.34
O2A ADP C . -6.04 -18.11 19.24
O3A ADP C . -5.21 -19.71 17.30
O5' ADP C . -6.14 -20.57 19.44
C5' ADP C . -7.52 -20.70 19.15
C4' ADP C . -8.34 -21.17 20.35
O4' ADP C . -7.99 -22.52 20.67
C3' ADP C . -8.12 -20.40 21.64
O3' ADP C . -9.38 -20.47 22.27
C2' ADP C . -7.11 -21.23 22.39
O2' ADP C . -7.31 -21.22 23.78
C1' ADP C . -7.45 -22.63 21.97
N9 ADP C . -6.32 -23.55 21.75
C8 ADP C . -5.20 -23.36 21.05
N7 ADP C . -4.41 -24.48 21.02
C5 ADP C . -5.10 -25.40 21.71
C6 ADP C . -4.84 -26.81 22.06
N6 ADP C . -3.77 -27.38 21.64
N1 ADP C . -5.79 -27.43 22.80
C2 ADP C . -7.04 -26.83 23.26
N3 ADP C . -7.20 -25.43 22.88
C4 ADP C . -6.27 -24.80 22.14
O1 LTT D . -8.28 -13.73 5.74
C1 LTT D . -7.10 -13.54 6.06
N2 LTT D . -6.23 -12.96 5.23
C3 LTT D . -4.96 -12.76 5.62
N3 LTT D . -4.09 -12.14 4.76
C5 LTT D . -4.57 -13.19 6.90
C7 LTT D . -5.49 -13.81 7.76
N1 LTT D . -6.75 -13.97 7.33
C4 LTT D . -7.85 -14.61 8.08
O3 LTT D . -7.38 -15.08 9.33
C2 LTT D . -8.02 -14.37 10.38
C8 LTT D . -7.01 -14.15 11.47
O4 LTT D . -6.39 -15.41 11.65
O2 LTT D . -8.36 -13.15 9.74
C6 LTT D . -8.83 -13.51 8.44
PB ADP E . -2.48 17.25 -18.78
O1B ADP E . -3.59 16.29 -18.46
O2B ADP E . -1.11 16.76 -18.97
O3B ADP E . -2.52 18.43 -17.82
PA ADP E . -2.10 17.70 -21.59
O1A ADP E . -0.69 18.20 -21.54
O2A ADP E . -2.35 16.31 -22.08
O3A ADP E . -2.88 17.90 -20.20
O5' ADP E . -2.98 18.71 -22.47
C5' ADP E . -4.36 18.42 -22.68
C4' ADP E . -4.75 18.72 -24.14
O4' ADP E . -4.76 20.13 -24.31
C3' ADP E . -3.81 18.20 -25.24
O3' ADP E . -4.62 18.06 -26.40
C2' ADP E . -2.88 19.34 -25.52
O2' ADP E . -2.36 19.39 -26.84
C1' ADP E . -3.76 20.55 -25.25
N9 ADP E . -3.07 21.71 -24.65
C8 ADP E . -2.19 21.78 -23.63
N7 ADP E . -1.81 23.08 -23.42
C5 ADP E . -2.44 23.83 -24.32
C6 ADP E . -2.47 25.26 -24.62
N6 ADP E . -1.79 26.09 -23.93
N1 ADP E . -3.23 25.67 -25.64
C2 ADP E . -4.05 24.78 -26.46
N3 ADP E . -3.98 23.36 -26.11
C4 ADP E . -3.20 22.96 -25.07
O1 LTT F . -8.51 10.51 -10.44
C1 LTT F . -7.32 10.67 -10.25
N2 LTT F . -6.73 10.25 -9.12
C3 LTT F . -5.40 10.48 -8.96
N3 LTT F . -4.81 10.04 -7.83
C5 LTT F . -4.64 11.11 -9.93
C7 LTT F . -5.29 11.52 -11.10
N1 LTT F . -6.60 11.31 -11.26
C4 LTT F . -7.35 11.75 -12.44
O3 LTT F . -6.45 12.47 -13.27
C2 LTT F . -6.47 11.91 -14.58
C8 LTT F . -5.09 11.95 -15.24
O4 LTT F . -4.62 13.31 -15.22
O2 LTT F . -6.98 10.58 -14.46
C6 LTT F . -7.81 10.56 -13.29
#